data_7Q35
#
_entry.id   7Q35
#
_cell.length_a   115.330
_cell.length_b   119.986
_cell.length_c   36.461
_cell.angle_alpha   90.00
_cell.angle_beta   90.00
_cell.angle_gamma   90.00
#
_symmetry.space_group_name_H-M   'C 2 2 2'
#
loop_
_entity.id
_entity.type
_entity.pdbx_description
1 polymer Bacteriorhodopsin
2 non-polymer RETINAL
3 non-polymer EICOSANE
4 non-polymer 'OLEIC ACID'
5 non-polymer HEXANE
6 non-polymer 'SULFATE ION'
7 non-polymer KRYPTON
8 water water
#
_entity_poly.entity_id   1
_entity_poly.type   'polypeptide(L)'
_entity_poly.pdbx_seq_one_letter_code
;MQAQITGRPEWIWLALGAALMGLGALYFLVKGMGVSDPDAKKFYAITALVPAIAFTMYLSMLLGYGLTMVPFGGEQNPIY
WARYADWLFTTPLLLLDLALLVDADQGTILALVGADGIMIGTGLVGALTKVYSYRFVWWAISTAAMLYILYVLFFGFTSK
AESMRPEVASTFKVLRNVTVVLWSAYPVVWLIGSEGAGIVPLNIETLLFMVLDVSAKVGFGLILLRSRAIFGEAEAPEPS
AGDGAAATSDGSGIEGRSGAPHHHHHHHH
;
_entity_poly.pdbx_strand_id   A
#
# COMPACT_ATOMS: atom_id res chain seq x y z
N ARG A 8 -2.04 22.80 -10.99
CA ARG A 8 -2.73 21.60 -10.45
C ARG A 8 -2.69 21.68 -8.91
N PRO A 9 -3.80 21.97 -8.22
CA PRO A 9 -3.76 22.11 -6.76
C PRO A 9 -3.24 20.88 -5.98
N GLU A 10 -3.41 19.67 -6.52
CA GLU A 10 -2.94 18.40 -5.89
C GLU A 10 -1.41 18.38 -5.83
N TRP A 11 -0.70 19.25 -6.56
CA TRP A 11 0.77 19.23 -6.62
C TRP A 11 1.37 19.42 -5.23
N ILE A 12 0.74 20.19 -4.36
CA ILE A 12 1.23 20.40 -2.95
C ILE A 12 1.38 19.04 -2.25
N TRP A 13 0.38 18.16 -2.34
CA TRP A 13 0.36 16.86 -1.64
C TRP A 13 1.27 15.86 -2.36
N LEU A 14 1.45 15.99 -3.67
CA LEU A 14 2.42 15.13 -4.39
C LEU A 14 3.84 15.43 -3.92
N ALA A 15 4.17 16.71 -3.72
CA ALA A 15 5.50 17.16 -3.30
C ALA A 15 5.74 16.73 -1.85
N LEU A 16 4.79 16.98 -0.94
CA LEU A 16 4.96 16.54 0.45
C LEU A 16 5.04 15.01 0.52
N GLY A 17 4.19 14.32 -0.23
CA GLY A 17 4.24 12.86 -0.33
C GLY A 17 5.63 12.41 -0.76
N ALA A 18 6.17 12.97 -1.83
CA ALA A 18 7.55 12.63 -2.27
C ALA A 18 8.53 12.89 -1.14
N ALA A 19 8.46 14.05 -0.48
CA ALA A 19 9.46 14.38 0.57
C ALA A 19 9.39 13.36 1.72
N LEU A 20 8.20 12.93 2.16
CA LEU A 20 8.07 12.06 3.34
C LEU A 20 8.48 10.62 2.97
N MET A 21 8.09 10.14 1.80
CA MET A 21 8.51 8.77 1.37
C MET A 21 10.04 8.72 1.24
N GLY A 22 10.63 9.72 0.60
CA GLY A 22 12.10 9.81 0.44
C GLY A 22 12.83 9.77 1.76
N LEU A 23 12.37 10.56 2.72
CA LEU A 23 13.01 10.63 4.06
C LEU A 23 12.77 9.34 4.82
N GLY A 24 11.59 8.73 4.67
CA GLY A 24 11.30 7.42 5.28
C GLY A 24 12.27 6.36 4.78
N ALA A 25 12.42 6.24 3.47
CA ALA A 25 13.38 5.31 2.82
C ALA A 25 14.79 5.54 3.38
N LEU A 26 15.27 6.79 3.38
CA LEU A 26 16.62 7.11 3.89
C LEU A 26 16.68 6.75 5.37
N TYR A 27 15.65 7.08 6.15
CA TYR A 27 15.64 6.75 7.58
C TYR A 27 15.84 5.23 7.76
N PHE A 28 15.04 4.41 7.10
CA PHE A 28 15.12 2.94 7.26
C PHE A 28 16.55 2.45 6.90
N LEU A 29 17.14 2.98 5.84
CA LEU A 29 18.48 2.54 5.37
C LEU A 29 19.52 2.92 6.42
N VAL A 30 19.43 4.14 6.95
CA VAL A 30 20.43 4.58 7.96
C VAL A 30 20.28 3.73 9.22
N LYS A 31 19.05 3.46 9.67
CA LYS A 31 18.80 2.60 10.85
CA LYS A 31 18.78 2.59 10.86
C LYS A 31 19.32 1.18 10.58
N GLY A 32 19.16 0.67 9.35
CA GLY A 32 19.62 -0.71 9.07
C GLY A 32 21.15 -0.83 9.06
N MET A 33 21.90 0.26 8.95
CA MET A 33 23.37 0.21 8.88
C MET A 33 23.91 -0.35 10.20
N GLY A 34 23.20 -0.15 11.29
CA GLY A 34 23.57 -0.76 12.57
C GLY A 34 23.10 -2.20 12.73
N VAL A 35 22.85 -2.95 11.64
CA VAL A 35 22.28 -4.34 11.72
C VAL A 35 23.08 -5.31 10.83
N SER A 36 23.47 -6.47 11.37
CA SER A 36 24.18 -7.55 10.64
C SER A 36 23.38 -8.85 10.59
N ASP A 37 22.41 -9.09 11.49
CA ASP A 37 21.58 -10.33 11.50
C ASP A 37 20.98 -10.54 10.10
N PRO A 38 21.28 -11.67 9.41
CA PRO A 38 20.61 -12.05 8.16
C PRO A 38 19.07 -11.99 8.11
N ASP A 39 18.40 -12.46 9.15
CA ASP A 39 16.92 -12.41 9.22
C ASP A 39 16.50 -10.94 9.19
N ALA A 40 17.12 -10.12 10.04
CA ALA A 40 16.68 -8.73 10.25
C ALA A 40 16.91 -7.91 8.98
N LYS A 41 18.03 -8.13 8.28
CA LYS A 41 18.39 -7.41 7.04
C LYS A 41 17.32 -7.62 5.97
N LYS A 42 16.77 -8.82 5.84
CA LYS A 42 15.69 -9.09 4.85
C LYS A 42 14.54 -8.09 5.08
N PHE A 43 14.14 -7.84 6.32
CA PHE A 43 13.02 -6.92 6.67
C PHE A 43 13.42 -5.48 6.41
N TYR A 44 14.67 -5.10 6.73
CA TYR A 44 15.18 -3.74 6.40
C TYR A 44 15.12 -3.50 4.89
N ALA A 45 15.55 -4.47 4.09
CA ALA A 45 15.66 -4.33 2.62
C ALA A 45 14.25 -4.10 2.05
N ILE A 46 13.30 -4.96 2.40
CA ILE A 46 11.90 -4.89 1.92
C ILE A 46 11.25 -3.58 2.39
N THR A 47 11.42 -3.28 3.66
CA THR A 47 10.71 -2.15 4.31
C THR A 47 11.26 -0.81 3.78
N ALA A 48 12.55 -0.72 3.42
CA ALA A 48 13.16 0.52 2.83
C ALA A 48 12.78 0.66 1.35
N LEU A 49 12.64 -0.46 0.64
CA LEU A 49 12.32 -0.43 -0.82
C LEU A 49 10.91 0.11 -1.04
N VAL A 50 9.98 -0.16 -0.13
CA VAL A 50 8.56 0.23 -0.29
C VAL A 50 8.46 1.75 -0.39
N PRO A 51 8.96 2.54 0.59
CA PRO A 51 8.89 3.99 0.45
C PRO A 51 9.79 4.54 -0.67
N ALA A 52 10.87 3.85 -1.04
CA ALA A 52 11.69 4.22 -2.21
C ALA A 52 10.88 4.15 -3.50
N ILE A 53 10.13 3.07 -3.72
CA ILE A 53 9.23 2.96 -4.89
C ILE A 53 8.19 4.09 -4.85
N ALA A 54 7.53 4.30 -3.71
CA ALA A 54 6.51 5.36 -3.55
C ALA A 54 7.12 6.75 -3.82
N PHE A 55 8.30 7.04 -3.31
CA PHE A 55 9.02 8.30 -3.60
C PHE A 55 9.10 8.50 -5.12
N THR A 56 9.48 7.44 -5.84
CA THR A 56 9.70 7.55 -7.30
C THR A 56 8.39 7.89 -7.98
N MET A 57 7.31 7.23 -7.60
CA MET A 57 6.01 7.42 -8.27
C MET A 57 5.42 8.77 -7.83
N TYR A 58 5.57 9.20 -6.58
CA TYR A 58 5.08 10.55 -6.21
C TYR A 58 5.85 11.61 -7.00
N LEU A 59 7.15 11.42 -7.22
CA LEU A 59 7.98 12.43 -7.94
C LEU A 59 7.55 12.44 -9.41
N SER A 60 7.28 11.27 -9.96
CA SER A 60 6.78 11.13 -11.36
CA SER A 60 6.80 11.15 -11.36
C SER A 60 5.46 11.89 -11.53
N MET A 61 4.50 11.68 -10.63
CA MET A 61 3.20 12.39 -10.69
C MET A 61 3.42 13.91 -10.50
N LEU A 62 4.31 14.31 -9.61
CA LEU A 62 4.56 15.76 -9.36
C LEU A 62 5.07 16.40 -10.67
N LEU A 63 5.95 15.70 -11.41
CA LEU A 63 6.55 16.24 -12.65
C LEU A 63 5.63 15.98 -13.84
N GLY A 64 4.44 15.45 -13.64
CA GLY A 64 3.41 15.40 -14.69
C GLY A 64 3.41 14.09 -15.45
N TYR A 65 4.22 13.12 -15.07
CA TYR A 65 4.16 11.76 -15.67
C TYR A 65 3.10 10.93 -14.92
N GLY A 66 2.55 9.92 -15.60
CA GLY A 66 1.64 8.94 -14.99
C GLY A 66 0.24 9.49 -14.79
N LEU A 67 -0.17 10.48 -15.61
CA LEU A 67 -1.49 11.13 -15.61
C LEU A 67 -2.16 10.85 -16.97
N THR A 68 -3.44 10.52 -16.96
CA THR A 68 -4.27 10.37 -18.18
C THR A 68 -5.64 11.00 -17.93
N MET A 69 -6.33 11.40 -19.00
CA MET A 69 -7.73 11.86 -18.96
C MET A 69 -8.63 10.69 -19.32
N VAL A 70 -9.65 10.42 -18.50
CA VAL A 70 -10.70 9.40 -18.78
C VAL A 70 -12.05 10.11 -18.85
N PRO A 71 -12.74 10.06 -20.00
CA PRO A 71 -14.10 10.59 -20.09
C PRO A 71 -15.10 9.64 -19.40
N PHE A 72 -15.89 10.17 -18.47
CA PHE A 72 -17.04 9.50 -17.80
C PHE A 72 -17.86 10.59 -17.10
N GLY A 73 -19.13 10.30 -16.79
CA GLY A 73 -20.07 11.22 -16.13
C GLY A 73 -20.20 12.51 -16.93
N GLY A 74 -20.07 12.41 -18.26
CA GLY A 74 -20.05 13.54 -19.20
C GLY A 74 -18.94 14.54 -18.93
N GLU A 75 -17.77 14.11 -18.44
CA GLU A 75 -16.61 15.01 -18.19
C GLU A 75 -15.30 14.32 -18.61
N GLN A 76 -14.24 15.09 -18.81
CA GLN A 76 -12.83 14.61 -18.87
C GLN A 76 -12.30 14.58 -17.43
N ASN A 77 -11.91 13.40 -16.93
CA ASN A 77 -11.51 13.18 -15.52
C ASN A 77 -10.02 12.88 -15.49
N PRO A 78 -9.20 13.68 -14.75
CA PRO A 78 -7.77 13.39 -14.61
C PRO A 78 -7.62 12.17 -13.67
N ILE A 79 -6.93 11.14 -14.16
CA ILE A 79 -6.64 9.88 -13.42
C ILE A 79 -5.12 9.67 -13.43
N TYR A 80 -4.54 9.62 -12.24
CA TYR A 80 -3.10 9.36 -12.01
C TYR A 80 -2.89 7.86 -12.00
N TRP A 81 -2.56 7.25 -13.14
CA TRP A 81 -2.40 5.78 -13.21
C TRP A 81 -1.09 5.35 -12.50
N ALA A 82 -0.12 6.26 -12.27
CA ALA A 82 1.17 5.94 -11.61
C ALA A 82 0.92 5.49 -10.16
N ARG A 83 -0.14 6.02 -9.54
CA ARG A 83 -0.60 5.62 -8.19
CA ARG A 83 -0.59 5.62 -8.18
C ARG A 83 -0.78 4.09 -8.14
N TYR A 84 -1.44 3.51 -9.14
CA TYR A 84 -1.68 2.06 -9.21
C TYR A 84 -0.38 1.29 -9.48
N ALA A 85 0.54 1.85 -10.26
CA ALA A 85 1.86 1.24 -10.54
C ALA A 85 2.65 1.13 -9.24
N ASP A 86 2.63 2.17 -8.42
CA ASP A 86 3.25 2.18 -7.08
C ASP A 86 2.63 1.04 -6.27
N TRP A 87 1.31 1.04 -6.09
CA TRP A 87 0.58 0.05 -5.26
C TRP A 87 0.82 -1.37 -5.77
N LEU A 88 0.98 -1.54 -7.08
CA LEU A 88 1.21 -2.88 -7.68
C LEU A 88 2.50 -3.48 -7.10
N PHE A 89 3.53 -2.68 -6.84
CA PHE A 89 4.84 -3.19 -6.36
C PHE A 89 4.92 -3.14 -4.82
N THR A 90 4.36 -2.12 -4.20
CA THR A 90 4.51 -1.88 -2.75
C THR A 90 3.56 -2.77 -1.93
N THR A 91 2.31 -2.96 -2.32
CA THR A 91 1.38 -3.74 -1.48
C THR A 91 1.89 -5.18 -1.36
N PRO A 92 2.43 -5.80 -2.41
CA PRO A 92 2.97 -7.15 -2.27
C PRO A 92 4.23 -7.23 -1.41
N LEU A 93 5.06 -6.19 -1.41
CA LEU A 93 6.25 -6.15 -0.54
C LEU A 93 5.78 -6.05 0.91
N LEU A 94 4.74 -5.28 1.19
CA LEU A 94 4.20 -5.16 2.58
C LEU A 94 3.62 -6.50 3.02
N LEU A 95 2.90 -7.18 2.13
CA LEU A 95 2.37 -8.53 2.45
C LEU A 95 3.53 -9.51 2.66
N LEU A 96 4.59 -9.44 1.84
CA LEU A 96 5.79 -10.27 2.06
C LEU A 96 6.44 -10.00 3.44
N ASP A 97 6.54 -8.76 3.90
CA ASP A 97 7.00 -8.47 5.27
C ASP A 97 6.17 -9.31 6.27
N LEU A 98 4.85 -9.26 6.20
CA LEU A 98 4.01 -10.04 7.14
C LEU A 98 4.26 -11.53 6.97
N ALA A 99 4.38 -11.99 5.72
CA ALA A 99 4.56 -13.44 5.45
C ALA A 99 5.90 -13.94 5.99
N LEU A 100 6.96 -13.13 5.90
CA LEU A 100 8.28 -13.54 6.44
C LEU A 100 8.20 -13.53 7.97
N LEU A 101 7.51 -12.55 8.57
CA LEU A 101 7.38 -12.47 10.05
C LEU A 101 6.74 -13.77 10.58
N VAL A 102 5.67 -14.26 9.98
CA VAL A 102 4.98 -15.49 10.51
C VAL A 102 5.48 -16.76 9.81
N ASP A 103 6.49 -16.64 8.96
CA ASP A 103 7.10 -17.77 8.22
C ASP A 103 6.00 -18.51 7.43
N ALA A 104 5.18 -17.79 6.68
CA ALA A 104 4.14 -18.37 5.78
C ALA A 104 4.78 -19.25 4.72
N ASP A 105 4.08 -20.31 4.32
CA ASP A 105 4.53 -21.20 3.22
C ASP A 105 4.38 -20.45 1.88
N GLN A 106 5.09 -20.93 0.87
CA GLN A 106 5.23 -20.34 -0.48
C GLN A 106 3.87 -20.31 -1.18
N GLY A 107 3.01 -21.31 -0.99
CA GLY A 107 1.69 -21.30 -1.63
C GLY A 107 0.84 -20.16 -1.14
N THR A 108 0.80 -19.93 0.18
CA THR A 108 0.04 -18.80 0.79
C THR A 108 0.61 -17.50 0.23
N ILE A 109 1.93 -17.44 0.08
CA ILE A 109 2.59 -16.20 -0.40
C ILE A 109 2.11 -15.94 -1.82
N LEU A 110 2.03 -16.98 -2.66
CA LEU A 110 1.64 -16.79 -4.08
C LEU A 110 0.17 -16.35 -4.11
N ALA A 111 -0.69 -16.96 -3.30
CA ALA A 111 -2.13 -16.67 -3.29
C ALA A 111 -2.31 -15.20 -2.90
N LEU A 112 -1.61 -14.73 -1.89
CA LEU A 112 -1.70 -13.30 -1.48
C LEU A 112 -1.21 -12.39 -2.62
N VAL A 113 -0.06 -12.68 -3.23
CA VAL A 113 0.49 -11.84 -4.32
C VAL A 113 -0.53 -11.82 -5.45
N GLY A 114 -1.08 -12.98 -5.83
CA GLY A 114 -2.11 -13.06 -6.87
C GLY A 114 -3.31 -12.22 -6.51
N ALA A 115 -3.80 -12.36 -5.29
CA ALA A 115 -5.00 -11.62 -4.84
C ALA A 115 -4.68 -10.12 -4.84
N ASP A 116 -3.47 -9.76 -4.46
CA ASP A 116 -3.07 -8.32 -4.43
C ASP A 116 -2.99 -7.77 -5.87
N GLY A 117 -2.44 -8.54 -6.82
CA GLY A 117 -2.51 -8.27 -8.27
C GLY A 117 -3.94 -8.05 -8.76
N ILE A 118 -4.90 -8.89 -8.38
CA ILE A 118 -6.33 -8.68 -8.78
C ILE A 118 -6.80 -7.36 -8.16
N MET A 119 -6.60 -7.17 -6.87
CA MET A 119 -7.07 -5.95 -6.15
C MET A 119 -6.60 -4.70 -6.90
N ILE A 120 -5.29 -4.57 -7.19
CA ILE A 120 -4.70 -3.32 -7.76
C ILE A 120 -5.05 -3.26 -9.26
N GLY A 121 -4.98 -4.39 -9.97
CA GLY A 121 -5.30 -4.47 -11.41
C GLY A 121 -6.72 -4.04 -11.69
N THR A 122 -7.70 -4.60 -10.97
CA THR A 122 -9.14 -4.25 -11.14
C THR A 122 -9.41 -2.82 -10.64
N GLY A 123 -8.70 -2.38 -9.60
CA GLY A 123 -8.65 -0.95 -9.22
C GLY A 123 -8.40 -0.07 -10.44
N LEU A 124 -7.30 -0.33 -11.16
CA LEU A 124 -6.87 0.46 -12.33
C LEU A 124 -7.88 0.32 -13.48
N VAL A 125 -8.36 -0.90 -13.74
CA VAL A 125 -9.38 -1.11 -14.80
C VAL A 125 -10.60 -0.23 -14.47
N GLY A 126 -11.06 -0.25 -13.25
CA GLY A 126 -12.18 0.60 -12.83
C GLY A 126 -11.86 2.07 -13.02
N ALA A 127 -10.63 2.49 -12.73
CA ALA A 127 -10.25 3.91 -12.79
C ALA A 127 -10.23 4.38 -14.27
N LEU A 128 -9.98 3.45 -15.22
CA LEU A 128 -9.91 3.75 -16.69
C LEU A 128 -11.23 3.44 -17.39
N THR A 129 -12.26 2.99 -16.65
CA THR A 129 -13.54 2.56 -17.26
C THR A 129 -14.38 3.80 -17.61
N LYS A 130 -14.83 3.86 -18.87
CA LYS A 130 -15.48 5.04 -19.52
C LYS A 130 -16.97 5.09 -19.16
N VAL A 131 -17.59 3.96 -18.78
CA VAL A 131 -19.02 3.89 -18.35
C VAL A 131 -19.11 3.98 -16.82
N TYR A 132 -19.60 5.11 -16.30
CA TYR A 132 -19.60 5.50 -14.87
C TYR A 132 -20.02 4.29 -14.03
N SER A 133 -21.10 3.61 -14.41
CA SER A 133 -21.71 2.48 -13.68
C SER A 133 -20.73 1.32 -13.46
N TYR A 134 -20.04 0.91 -14.53
CA TYR A 134 -19.16 -0.28 -14.54
C TYR A 134 -17.88 0.04 -13.75
N ARG A 135 -17.52 1.31 -13.56
CA ARG A 135 -16.39 1.68 -12.68
C ARG A 135 -16.59 0.95 -11.34
N PHE A 136 -17.84 0.87 -10.88
CA PHE A 136 -18.20 0.42 -9.52
C PHE A 136 -18.30 -1.10 -9.50
N VAL A 137 -18.58 -1.75 -10.61
CA VAL A 137 -18.46 -3.24 -10.62
C VAL A 137 -17.00 -3.64 -10.34
N TRP A 138 -16.05 -3.00 -11.00
CA TRP A 138 -14.62 -3.24 -10.84
C TRP A 138 -14.19 -2.85 -9.42
N TRP A 139 -14.69 -1.74 -8.88
CA TRP A 139 -14.46 -1.38 -7.45
C TRP A 139 -14.92 -2.54 -6.55
N ALA A 140 -16.09 -3.12 -6.81
CA ALA A 140 -16.64 -4.20 -5.97
C ALA A 140 -15.72 -5.44 -6.03
N ILE A 141 -15.21 -5.80 -7.21
CA ILE A 141 -14.32 -6.97 -7.39
C ILE A 141 -12.99 -6.69 -6.66
N SER A 142 -12.44 -5.49 -6.82
CA SER A 142 -11.21 -5.05 -6.11
C SER A 142 -11.41 -5.17 -4.61
N THR A 143 -12.53 -4.67 -4.09
CA THR A 143 -12.87 -4.72 -2.66
C THR A 143 -13.01 -6.18 -2.20
N ALA A 144 -13.62 -7.05 -2.98
CA ALA A 144 -13.75 -8.46 -2.57
C ALA A 144 -12.35 -9.04 -2.43
N ALA A 145 -11.44 -8.75 -3.37
CA ALA A 145 -10.04 -9.24 -3.30
C ALA A 145 -9.37 -8.68 -2.04
N MET A 146 -9.59 -7.41 -1.72
CA MET A 146 -8.98 -6.86 -0.48
C MET A 146 -9.51 -7.60 0.74
N LEU A 147 -10.79 -7.94 0.76
CA LEU A 147 -11.41 -8.61 1.92
C LEU A 147 -10.84 -10.02 2.05
N TYR A 148 -10.62 -10.71 0.93
CA TYR A 148 -9.92 -12.02 0.89
C TYR A 148 -8.53 -11.86 1.57
N ILE A 149 -7.73 -10.88 1.17
CA ILE A 149 -6.39 -10.65 1.77
C ILE A 149 -6.50 -10.44 3.30
N LEU A 150 -7.39 -9.54 3.73
CA LEU A 150 -7.52 -9.13 5.14
C LEU A 150 -8.03 -10.34 5.94
N TYR A 151 -8.86 -11.19 5.34
CA TYR A 151 -9.32 -12.44 5.95
C TYR A 151 -8.12 -13.36 6.18
N VAL A 152 -7.30 -13.62 5.17
CA VAL A 152 -6.12 -14.51 5.32
C VAL A 152 -5.19 -13.89 6.36
N LEU A 153 -4.98 -12.57 6.33
CA LEU A 153 -4.08 -11.92 7.32
C LEU A 153 -4.68 -12.06 8.72
N PHE A 154 -5.95 -11.68 8.90
CA PHE A 154 -6.54 -11.52 10.26
C PHE A 154 -6.75 -12.89 10.91
N PHE A 155 -7.26 -13.89 10.18
CA PHE A 155 -7.59 -15.22 10.70
C PHE A 155 -6.43 -16.19 10.50
N GLY A 156 -5.99 -16.42 9.26
CA GLY A 156 -4.92 -17.40 8.93
C GLY A 156 -3.60 -17.01 9.56
N PHE A 157 -3.13 -15.80 9.33
CA PHE A 157 -1.77 -15.41 9.80
C PHE A 157 -1.74 -15.29 11.33
N THR A 158 -2.82 -14.88 12.00
CA THR A 158 -2.85 -14.77 13.49
C THR A 158 -2.67 -16.16 14.09
N SER A 159 -3.38 -17.15 13.56
CA SER A 159 -3.29 -18.55 13.96
C SER A 159 -1.84 -19.06 13.81
N LYS A 160 -1.23 -18.84 12.64
CA LYS A 160 0.20 -19.18 12.45
C LYS A 160 1.04 -18.42 13.49
N ALA A 161 0.88 -17.11 13.64
CA ALA A 161 1.69 -16.31 14.59
C ALA A 161 1.51 -16.84 16.03
N GLU A 162 0.32 -17.33 16.42
CA GLU A 162 0.09 -17.77 17.83
C GLU A 162 0.80 -19.12 18.09
N SER A 163 1.25 -19.84 17.06
CA SER A 163 1.98 -21.12 17.19
C SER A 163 3.49 -20.84 17.24
N MET A 164 3.88 -19.58 17.14
CA MET A 164 5.30 -19.17 17.18
C MET A 164 5.59 -18.45 18.50
N ARG A 165 6.80 -17.96 18.68
CA ARG A 165 7.21 -17.33 19.94
C ARG A 165 6.35 -16.09 20.18
N PRO A 166 6.02 -15.79 21.45
CA PRO A 166 5.15 -14.67 21.78
C PRO A 166 5.62 -13.33 21.18
N GLU A 167 6.93 -13.11 21.04
CA GLU A 167 7.40 -11.83 20.45
C GLU A 167 6.81 -11.68 19.04
N VAL A 168 6.76 -12.77 18.26
CA VAL A 168 6.23 -12.78 16.88
C VAL A 168 4.72 -12.54 16.92
N ALA A 169 3.99 -13.26 17.74
CA ALA A 169 2.51 -13.09 17.83
C ALA A 169 2.21 -11.62 18.17
N SER A 170 2.94 -11.06 19.14
CA SER A 170 2.69 -9.70 19.65
C SER A 170 2.91 -8.67 18.53
N THR A 171 4.04 -8.70 17.84
CA THR A 171 4.36 -7.75 16.75
C THR A 171 3.40 -7.95 15.59
N PHE A 172 3.09 -9.21 15.25
CA PHE A 172 2.20 -9.48 14.12
C PHE A 172 0.83 -8.87 14.39
N LYS A 173 0.29 -9.01 15.60
CA LYS A 173 -1.06 -8.48 15.90
C LYS A 173 -1.11 -6.98 15.69
N VAL A 174 -0.10 -6.23 16.13
CA VAL A 174 -0.08 -4.75 15.94
C VAL A 174 -0.06 -4.46 14.44
N LEU A 175 0.83 -5.12 13.70
CA LEU A 175 0.93 -4.84 12.25
C LEU A 175 -0.37 -5.23 11.57
N ARG A 176 -0.99 -6.32 12.01
CA ARG A 176 -2.27 -6.83 11.44
C ARG A 176 -3.36 -5.77 11.63
N ASN A 177 -3.41 -5.18 12.82
CA ASN A 177 -4.44 -4.19 13.20
C ASN A 177 -4.29 -2.94 12.32
N VAL A 178 -3.05 -2.47 12.14
CA VAL A 178 -2.76 -1.27 11.32
C VAL A 178 -3.13 -1.54 9.87
N THR A 179 -2.81 -2.73 9.36
CA THR A 179 -3.07 -3.08 7.94
C THR A 179 -4.58 -3.09 7.71
N VAL A 180 -5.36 -3.79 8.54
CA VAL A 180 -6.84 -3.86 8.37
C VAL A 180 -7.40 -2.43 8.35
N VAL A 181 -6.99 -1.61 9.32
CA VAL A 181 -7.56 -0.24 9.42
C VAL A 181 -7.16 0.55 8.18
N LEU A 182 -5.87 0.64 7.87
CA LEU A 182 -5.43 1.55 6.79
C LEU A 182 -5.90 1.04 5.42
N TRP A 183 -5.72 -0.25 5.13
CA TRP A 183 -6.11 -0.83 3.82
C TRP A 183 -7.60 -0.64 3.55
N SER A 184 -8.44 -0.83 4.57
CA SER A 184 -9.91 -0.66 4.49
C SER A 184 -10.31 0.76 4.10
N ALA A 185 -9.52 1.77 4.47
CA ALA A 185 -9.81 3.16 4.11
C ALA A 185 -9.68 3.37 2.59
N TYR A 186 -8.80 2.65 1.88
CA TYR A 186 -8.50 2.95 0.47
C TYR A 186 -9.76 2.86 -0.37
N PRO A 187 -10.55 1.77 -0.36
CA PRO A 187 -11.73 1.72 -1.22
C PRO A 187 -12.75 2.85 -0.95
N VAL A 188 -12.81 3.33 0.29
CA VAL A 188 -13.74 4.43 0.66
C VAL A 188 -13.24 5.75 0.04
N VAL A 189 -11.93 6.03 0.12
CA VAL A 189 -11.36 7.26 -0.49
C VAL A 189 -11.59 7.22 -2.01
N TRP A 190 -11.38 6.07 -2.63
CA TRP A 190 -11.66 5.92 -4.08
C TRP A 190 -13.13 6.26 -4.38
N LEU A 191 -14.09 5.74 -3.61
CA LEU A 191 -15.55 6.01 -3.83
C LEU A 191 -15.86 7.50 -3.76
N ILE A 192 -15.30 8.20 -2.77
CA ILE A 192 -15.67 9.62 -2.56
C ILE A 192 -14.86 10.55 -3.44
N GLY A 193 -13.74 10.10 -4.00
CA GLY A 193 -12.85 10.98 -4.78
C GLY A 193 -13.22 11.03 -6.26
N SER A 194 -12.37 11.70 -7.02
CA SER A 194 -12.54 12.03 -8.45
C SER A 194 -12.55 10.74 -9.25
N GLU A 195 -11.93 9.69 -8.74
CA GLU A 195 -11.96 8.34 -9.38
C GLU A 195 -13.39 7.78 -9.28
N GLY A 196 -14.19 8.16 -8.27
CA GLY A 196 -15.48 7.53 -7.99
C GLY A 196 -16.65 8.48 -8.17
N ALA A 197 -17.32 8.84 -7.10
CA ALA A 197 -18.52 9.70 -7.12
C ALA A 197 -18.13 11.18 -7.23
N GLY A 198 -16.89 11.57 -6.96
CA GLY A 198 -16.48 12.97 -7.08
C GLY A 198 -17.12 13.85 -6.04
N ILE A 199 -17.28 13.33 -4.82
CA ILE A 199 -17.80 14.09 -3.66
C ILE A 199 -16.69 15.04 -3.18
N VAL A 200 -15.43 14.61 -3.19
CA VAL A 200 -14.28 15.50 -2.81
C VAL A 200 -13.46 15.68 -4.08
N PRO A 201 -12.86 16.87 -4.28
CA PRO A 201 -12.01 17.13 -5.44
C PRO A 201 -10.69 16.34 -5.41
N LEU A 202 -10.02 16.33 -6.54
CA LEU A 202 -8.75 15.61 -6.73
C LEU A 202 -7.76 16.02 -5.64
N ASN A 203 -7.66 17.30 -5.27
CA ASN A 203 -6.56 17.71 -4.36
C ASN A 203 -6.81 17.08 -2.98
N ILE A 204 -8.08 16.92 -2.55
CA ILE A 204 -8.41 16.25 -1.26
C ILE A 204 -8.20 14.73 -1.38
N GLU A 205 -8.62 14.09 -2.47
CA GLU A 205 -8.32 12.68 -2.73
C GLU A 205 -6.81 12.45 -2.58
N THR A 206 -5.99 13.29 -3.22
CA THR A 206 -4.52 13.16 -3.20
C THR A 206 -4.03 13.24 -1.74
N LEU A 207 -4.49 14.24 -0.99
CA LEU A 207 -4.09 14.44 0.43
C LEU A 207 -4.44 13.19 1.24
N LEU A 208 -5.66 12.67 1.10
CA LEU A 208 -6.11 11.48 1.88
C LEU A 208 -5.27 10.26 1.48
N PHE A 209 -5.05 10.02 0.19
CA PHE A 209 -4.18 8.88 -0.23
C PHE A 209 -2.77 9.10 0.32
N MET A 210 -2.30 10.33 0.35
CA MET A 210 -0.92 10.59 0.83
C MET A 210 -0.81 10.25 2.31
N VAL A 211 -1.77 10.64 3.14
CA VAL A 211 -1.78 10.32 4.59
C VAL A 211 -1.83 8.80 4.79
N LEU A 212 -2.74 8.10 4.10
CA LEU A 212 -2.83 6.63 4.16
C LEU A 212 -1.51 6.00 3.69
N ASP A 213 -0.95 6.45 2.57
CA ASP A 213 0.29 5.83 2.01
C ASP A 213 1.42 5.99 3.02
N VAL A 214 1.61 7.19 3.57
CA VAL A 214 2.73 7.42 4.52
C VAL A 214 2.47 6.58 5.78
N SER A 215 1.23 6.52 6.23
CA SER A 215 0.88 5.69 7.40
C SER A 215 1.20 4.20 7.11
N ALA A 216 0.85 3.73 5.91
CA ALA A 216 0.85 2.28 5.55
C ALA A 216 2.27 1.81 5.21
N LYS A 217 3.18 2.75 4.92
CA LYS A 217 4.56 2.43 4.49
C LYS A 217 5.51 2.83 5.62
N VAL A 218 5.57 4.12 5.97
CA VAL A 218 6.55 4.57 6.99
C VAL A 218 6.08 4.16 8.38
N GLY A 219 4.82 4.41 8.72
CA GLY A 219 4.24 4.00 10.02
C GLY A 219 4.38 2.51 10.26
N PHE A 220 3.91 1.72 9.31
CA PHE A 220 4.01 0.24 9.38
C PHE A 220 5.47 -0.16 9.56
N GLY A 221 6.34 0.46 8.75
CA GLY A 221 7.78 0.15 8.78
C GLY A 221 8.39 0.44 10.13
N LEU A 222 8.05 1.55 10.77
CA LEU A 222 8.63 1.89 12.10
C LEU A 222 8.26 0.81 13.13
N ILE A 223 6.98 0.41 13.16
CA ILE A 223 6.49 -0.65 14.10
C ILE A 223 7.27 -1.94 13.82
N LEU A 224 7.40 -2.35 12.58
CA LEU A 224 8.09 -3.63 12.27
C LEU A 224 9.56 -3.55 12.64
N LEU A 225 10.26 -2.50 12.23
CA LEU A 225 11.75 -2.50 12.35
C LEU A 225 12.20 -2.16 13.79
N ARG A 226 11.34 -1.62 14.61
CA ARG A 226 11.61 -1.37 16.05
C ARG A 226 11.44 -2.65 16.89
N SER A 227 10.92 -3.75 16.32
CA SER A 227 10.53 -4.94 17.10
C SER A 227 11.69 -5.93 17.17
N ARG A 228 11.79 -6.68 18.28
CA ARG A 228 12.78 -7.78 18.47
C ARG A 228 12.37 -8.99 17.61
N ALA A 229 11.12 -9.06 17.16
CA ALA A 229 10.58 -10.19 16.39
C ALA A 229 11.36 -10.37 15.08
N ILE A 230 11.93 -9.32 14.48
CA ILE A 230 12.67 -9.46 13.18
C ILE A 230 14.03 -10.15 13.38
N PHE A 231 14.53 -10.33 14.59
CA PHE A 231 15.86 -10.96 14.83
C PHE A 231 15.77 -12.48 14.92
N GLY A 232 16.70 -13.16 14.25
CA GLY A 232 16.74 -14.63 14.08
C GLY A 232 17.57 -15.32 15.16
#